data_4MH4
#
_entry.id   4MH4
#
_cell.length_a   87.940
_cell.length_b   87.940
_cell.length_c   44.940
_cell.angle_alpha   90.000
_cell.angle_beta   90.000
_cell.angle_gamma   90.000
#
_symmetry.space_group_name_H-M   'P 43'
#
loop_
_entity.id
_entity.type
_entity.pdbx_description
1 polymer 'OsmC-like protein'
2 water water
#
_entity_poly.entity_id   1
_entity_poly.type   'polypeptide(L)'
_entity_poly.pdbx_seq_one_letter_code
;MAHHHHHHMSKIEKVLYTGKTHTTSGGRDGAARSSDGRLDIQLSSPGSAGTGTNPEQLFAAGWSACFIGAMQLAARAAKV
TLPADLAVDAEVDLGTAGNAYFLQARLNVSVPGLERDVAQRIVDAAHQTCPYSKATRGNIDVDIRIA
;
_entity_poly.pdbx_strand_id   A,B
#
# COMPACT_ATOMS: atom_id res chain seq x y z
N SER A 10 -0.34 -13.24 15.82
CA SER A 10 -0.58 -11.95 16.57
C SER A 10 0.71 -11.23 16.91
N LYS A 11 1.36 -10.67 15.88
CA LYS A 11 2.61 -9.93 16.06
C LYS A 11 2.40 -8.65 16.90
N ILE A 12 1.21 -8.04 16.82
CA ILE A 12 0.93 -6.77 17.48
C ILE A 12 0.42 -6.96 18.91
N GLU A 13 1.05 -6.27 19.86
CA GLU A 13 0.58 -6.23 21.24
C GLU A 13 -0.20 -4.94 21.56
N LYS A 14 0.15 -3.81 20.95
CA LYS A 14 -0.60 -2.55 21.11
C LYS A 14 -0.89 -1.96 19.74
N VAL A 15 -2.16 -1.72 19.44
CA VAL A 15 -2.53 -1.02 18.18
C VAL A 15 -2.45 0.48 18.43
N LEU A 16 -1.65 1.18 17.60
CA LEU A 16 -1.41 2.60 17.73
C LEU A 16 -2.39 3.44 16.90
N TYR A 17 -2.78 2.92 15.75
CA TYR A 17 -3.58 3.66 14.76
C TYR A 17 -4.26 2.66 13.85
N THR A 18 -5.49 2.97 13.42
CA THR A 18 -6.19 2.16 12.45
C THR A 18 -6.66 3.06 11.31
N GLY A 19 -6.25 2.74 10.11
CA GLY A 19 -6.75 3.45 8.95
C GLY A 19 -7.93 2.70 8.38
N LYS A 20 -9.00 3.40 8.00
CA LYS A 20 -10.21 2.75 7.57
C LYS A 20 -10.65 3.34 6.27
N THR A 21 -11.02 2.48 5.33
CA THR A 21 -11.45 2.93 4.03
C THR A 21 -12.64 2.18 3.53
N HIS A 22 -13.38 2.87 2.67
CA HIS A 22 -14.47 2.30 1.89
C HIS A 22 -14.14 2.46 0.41
N THR A 23 -14.09 1.33 -0.28
CA THR A 23 -13.75 1.29 -1.70
C THR A 23 -14.82 0.57 -2.52
N THR A 24 -15.13 1.14 -3.68
CA THR A 24 -16.00 0.54 -4.66
C THR A 24 -15.35 0.64 -6.01
N SER A 25 -15.73 -0.23 -6.94
CA SER A 25 -15.28 -0.08 -8.32
C SER A 25 -16.42 -0.45 -9.25
N GLY A 26 -16.39 0.07 -10.48
CA GLY A 26 -17.31 -0.32 -11.55
C GLY A 26 -16.59 -1.08 -12.65
N GLY A 27 -15.27 -1.26 -12.51
CA GLY A 27 -14.47 -1.96 -13.50
C GLY A 27 -13.82 -1.04 -14.52
N ARG A 28 -14.12 0.24 -14.42
CA ARG A 28 -13.52 1.27 -15.27
C ARG A 28 -13.17 2.47 -14.36
N ASP A 29 -14.15 2.84 -13.55
CA ASP A 29 -13.98 3.84 -12.52
C ASP A 29 -14.23 3.18 -11.17
N GLY A 30 -13.54 3.70 -10.16
CA GLY A 30 -13.75 3.29 -8.80
C GLY A 30 -13.46 4.46 -7.95
N ALA A 31 -13.61 4.27 -6.64
CA ALA A 31 -13.37 5.34 -5.71
C ALA A 31 -12.99 4.71 -4.40
N ALA A 32 -12.21 5.42 -3.62
CA ALA A 32 -11.83 5.04 -2.25
C ALA A 32 -11.81 6.29 -1.38
N ARG A 33 -12.38 6.16 -0.19
CA ARG A 33 -12.50 7.27 0.74
C ARG A 33 -12.26 6.71 2.13
N SER A 34 -11.37 7.36 2.86
CA SER A 34 -11.11 7.00 4.24
C SER A 34 -12.21 7.54 5.13
N SER A 35 -12.32 6.96 6.32
CA SER A 35 -13.44 7.23 7.19
C SER A 35 -13.50 8.70 7.61
N ASP A 36 -12.35 9.36 7.61
CA ASP A 36 -12.25 10.76 8.07
C ASP A 36 -12.03 11.74 6.92
N GLY A 37 -12.23 11.25 5.71
CA GLY A 37 -12.11 12.03 4.50
C GLY A 37 -10.72 12.54 4.18
N ARG A 38 -9.71 12.12 4.95
CA ARG A 38 -8.34 12.56 4.67
C ARG A 38 -7.84 12.00 3.35
N LEU A 39 -8.38 10.84 2.95
CA LEU A 39 -8.09 10.26 1.66
C LEU A 39 -9.38 10.21 0.95
N ASP A 40 -9.45 10.80 -0.24
CA ASP A 40 -10.70 10.80 -0.99
C ASP A 40 -10.32 10.87 -2.49
N ILE A 41 -10.26 9.70 -3.14
CA ILE A 41 -9.61 9.53 -4.46
C ILE A 41 -10.51 8.76 -5.41
N GLN A 42 -10.37 9.05 -6.69
CA GLN A 42 -11.00 8.30 -7.75
C GLN A 42 -9.97 7.31 -8.25
N LEU A 43 -10.41 6.18 -8.79
CA LEU A 43 -9.54 5.15 -9.34
C LEU A 43 -9.87 4.97 -10.82
N SER A 44 -8.83 4.74 -11.62
CA SER A 44 -8.94 4.47 -13.05
C SER A 44 -7.98 3.35 -13.40
N SER A 45 -8.31 2.57 -14.41
CA SER A 45 -7.35 1.62 -14.94
C SER A 45 -6.15 2.38 -15.57
N PRO A 46 -4.92 2.02 -15.23
CA PRO A 46 -3.77 2.66 -15.89
C PRO A 46 -3.63 2.34 -17.36
N GLY A 47 -4.40 1.38 -17.87
CA GLY A 47 -4.50 1.15 -19.34
C GLY A 47 -5.41 2.12 -20.06
N SER A 48 -6.07 2.98 -19.31
CA SER A 48 -6.81 4.14 -19.82
C SER A 48 -5.99 5.37 -19.44
N ALA A 49 -6.33 6.50 -20.04
CA ALA A 49 -5.81 7.77 -19.61
C ALA A 49 -6.77 8.46 -18.58
N GLY A 50 -7.60 7.68 -17.87
CA GLY A 50 -8.49 8.21 -16.84
C GLY A 50 -7.72 8.91 -15.75
N THR A 51 -8.34 9.91 -15.14
CA THR A 51 -7.67 10.77 -14.19
C THR A 51 -7.50 10.16 -12.81
N GLY A 52 -8.13 9.03 -12.55
CA GLY A 52 -8.02 8.34 -11.26
C GLY A 52 -6.69 7.63 -11.07
N THR A 53 -6.32 7.39 -9.82
CA THR A 53 -5.12 6.70 -9.45
C THR A 53 -5.33 5.17 -9.47
N ASN A 54 -4.39 4.42 -8.92
CA ASN A 54 -4.36 2.97 -9.07
C ASN A 54 -3.61 2.31 -7.91
N PRO A 55 -3.70 0.98 -7.77
CA PRO A 55 -3.06 0.39 -6.59
C PRO A 55 -1.54 0.43 -6.56
N GLU A 56 -0.90 0.53 -7.71
CA GLU A 56 0.54 0.63 -7.72
C GLU A 56 1.02 1.98 -7.24
N GLN A 57 0.37 3.04 -7.69
CA GLN A 57 0.68 4.38 -7.19
C GLN A 57 0.44 4.44 -5.71
N LEU A 58 -0.70 3.91 -5.26
CA LEU A 58 -1.01 3.96 -3.84
C LEU A 58 0.00 3.22 -2.96
N PHE A 59 0.41 2.04 -3.40
CA PHE A 59 1.43 1.26 -2.70
C PHE A 59 2.78 1.99 -2.69
N ALA A 60 3.17 2.54 -3.83
CA ALA A 60 4.43 3.31 -3.93
C ALA A 60 4.44 4.46 -2.93
N ALA A 61 3.33 5.20 -2.88
CA ALA A 61 3.24 6.32 -1.98
C ALA A 61 3.23 5.89 -0.51
N GLY A 62 2.42 4.89 -0.21
CA GLY A 62 2.32 4.39 1.15
C GLY A 62 3.65 3.87 1.68
N TRP A 63 4.34 3.07 0.89
CA TRP A 63 5.61 2.49 1.34
C TRP A 63 6.61 3.58 1.55
N SER A 64 6.65 4.55 0.62
CA SER A 64 7.56 5.68 0.72
C SER A 64 7.34 6.47 1.98
N ALA A 65 6.06 6.79 2.26
CA ALA A 65 5.71 7.52 3.47
C ALA A 65 6.16 6.73 4.71
N CYS A 66 5.89 5.44 4.71
CA CYS A 66 6.22 4.57 5.86
C CYS A 66 7.76 4.42 6.05
N PHE A 67 8.45 4.36 4.92
CA PHE A 67 9.92 4.30 4.90
C PHE A 67 10.52 5.56 5.47
N ILE A 68 9.99 6.73 5.07
CA ILE A 68 10.48 8.00 5.60
C ILE A 68 10.24 8.04 7.10
N GLY A 69 9.07 7.59 7.54
CA GLY A 69 8.79 7.57 8.97
C GLY A 69 9.76 6.69 9.74
N ALA A 70 10.10 5.54 9.18
CA ALA A 70 11.15 4.68 9.81
C ALA A 70 12.57 5.32 9.81
N MET A 71 12.93 6.00 8.73
CA MET A 71 14.16 6.83 8.70
C MET A 71 14.18 7.93 9.77
N GLN A 72 13.04 8.63 9.92
CA GLN A 72 12.90 9.69 10.91
C GLN A 72 13.08 9.16 12.33
N LEU A 73 12.51 8.00 12.59
CA LEU A 73 12.64 7.33 13.87
C LEU A 73 14.11 6.97 14.17
N ALA A 74 14.76 6.30 13.23
CA ALA A 74 16.19 5.99 13.33
C ALA A 74 17.08 7.24 13.49
N ALA A 75 16.77 8.29 12.72
CA ALA A 75 17.57 9.53 12.80
C ALA A 75 17.42 10.24 14.14
N ARG A 76 16.20 10.24 14.68
CA ARG A 76 15.93 10.86 15.96
C ARG A 76 16.74 10.18 17.07
N ALA A 77 16.72 8.86 17.08
CA ALA A 77 17.45 8.11 18.10
C ALA A 77 18.96 8.30 17.94
N ALA A 78 19.45 8.50 16.72
CA ALA A 78 20.89 8.65 16.50
C ALA A 78 21.33 10.13 16.55
N LYS A 79 20.37 11.03 16.82
CA LYS A 79 20.61 12.47 16.90
C LYS A 79 21.01 13.06 15.53
N VAL A 80 20.46 12.50 14.45
CA VAL A 80 20.75 12.96 13.10
C VAL A 80 19.64 13.88 12.56
N THR A 81 20.05 15.00 11.98
CA THR A 81 19.13 15.87 11.29
C THR A 81 19.04 15.45 9.84
N LEU A 82 17.84 15.06 9.42
CA LEU A 82 17.61 14.77 8.03
C LEU A 82 17.35 16.03 7.19
N PRO A 83 17.78 16.00 5.92
CA PRO A 83 17.55 17.13 5.04
C PRO A 83 16.07 17.48 4.94
N ALA A 84 15.77 18.76 5.02
CA ALA A 84 14.42 19.22 4.73
C ALA A 84 13.98 18.81 3.32
N ASP A 85 14.90 18.70 2.36
CA ASP A 85 14.54 18.25 0.99
C ASP A 85 14.71 16.74 0.78
N LEU A 86 14.64 15.97 1.87
CA LEU A 86 14.61 14.48 1.79
C LEU A 86 13.48 14.02 0.88
N ALA A 87 13.72 13.01 0.08
CA ALA A 87 12.69 12.51 -0.77
C ALA A 87 12.89 11.03 -1.00
N VAL A 88 11.79 10.33 -1.30
CA VAL A 88 11.89 8.96 -1.78
C VAL A 88 11.13 8.93 -3.09
N ASP A 89 11.82 8.43 -4.11
CA ASP A 89 11.25 8.22 -5.41
C ASP A 89 11.04 6.72 -5.55
N ALA A 90 9.77 6.32 -5.56
CA ALA A 90 9.39 4.93 -5.64
C ALA A 90 8.78 4.52 -6.98
N GLU A 91 9.02 3.27 -7.34
CA GLU A 91 8.37 2.67 -8.50
C GLU A 91 7.90 1.29 -8.09
N VAL A 92 6.63 1.00 -8.40
CA VAL A 92 6.04 -0.27 -8.12
C VAL A 92 5.56 -0.83 -9.45
N ASP A 93 6.15 -1.95 -9.85
CA ASP A 93 5.71 -2.62 -11.09
C ASP A 93 4.61 -3.62 -10.79
N LEU A 94 3.59 -3.65 -11.66
CA LEU A 94 2.66 -4.76 -11.79
C LEU A 94 3.14 -5.59 -12.97
N GLY A 95 3.45 -6.84 -12.73
CA GLY A 95 3.88 -7.75 -13.79
C GLY A 95 3.30 -9.13 -13.70
N THR A 96 3.59 -9.93 -14.71
CA THR A 96 3.14 -11.29 -14.75
C THR A 96 4.33 -12.26 -14.94
N ALA A 97 4.09 -13.46 -14.43
CA ALA A 97 4.83 -14.68 -14.84
C ALA A 97 3.76 -15.73 -15.10
N GLY A 98 3.73 -16.28 -16.30
CA GLY A 98 2.55 -17.01 -16.73
C GLY A 98 1.31 -16.11 -16.73
N ASN A 99 0.18 -16.63 -16.30
CA ASN A 99 -1.02 -15.83 -16.23
C ASN A 99 -1.19 -15.19 -14.86
N ALA A 100 -0.14 -15.25 -14.03
CA ALA A 100 -0.23 -14.82 -12.63
C ALA A 100 0.41 -13.46 -12.46
N TYR A 101 -0.18 -12.64 -11.59
CA TYR A 101 0.27 -11.29 -11.32
C TYR A 101 1.13 -11.20 -10.06
N PHE A 102 2.14 -10.34 -10.12
CA PHE A 102 3.02 -10.05 -9.00
C PHE A 102 3.44 -8.56 -8.99
N LEU A 103 3.89 -8.10 -7.84
CA LEU A 103 4.53 -6.80 -7.70
C LEU A 103 6.02 -6.93 -7.54
N GLN A 104 6.73 -5.85 -7.88
CA GLN A 104 8.15 -5.67 -7.44
C GLN A 104 8.31 -4.18 -7.23
N ALA A 105 9.31 -3.81 -6.46
CA ALA A 105 9.48 -2.40 -6.13
C ALA A 105 10.93 -1.93 -6.09
N ARG A 106 11.07 -0.63 -6.33
CA ARG A 106 12.34 0.09 -6.27
C ARG A 106 12.08 1.36 -5.50
N LEU A 107 12.88 1.59 -4.48
CA LEU A 107 12.87 2.81 -3.69
C LEU A 107 14.20 3.50 -3.85
N ASN A 108 14.18 4.74 -4.32
CA ASN A 108 15.37 5.54 -4.47
CA ASN A 108 15.40 5.56 -4.47
C ASN A 108 15.34 6.70 -3.48
N VAL A 109 16.21 6.63 -2.47
CA VAL A 109 16.22 7.60 -1.40
C VAL A 109 17.21 8.71 -1.65
N SER A 110 16.71 9.94 -1.63
CA SER A 110 17.54 11.16 -1.78
C SER A 110 17.63 11.91 -0.45
N VAL A 111 18.85 12.03 0.09
CA VAL A 111 19.07 12.79 1.30
C VAL A 111 20.18 13.82 1.09
N PRO A 112 19.88 14.92 0.37
CA PRO A 112 20.97 15.80 -0.02
C PRO A 112 21.65 16.38 1.21
N GLY A 113 22.97 16.49 1.16
CA GLY A 113 23.72 17.05 2.28
C GLY A 113 24.14 16.12 3.41
N LEU A 114 23.52 14.96 3.52
CA LEU A 114 23.91 13.98 4.52
C LEU A 114 25.09 13.17 4.03
N GLU A 115 26.10 13.03 4.87
CA GLU A 115 27.19 12.15 4.57
C GLU A 115 26.77 10.73 4.26
N ARG A 116 27.38 10.12 3.24
CA ARG A 116 26.86 8.84 2.75
C ARG A 116 26.94 7.71 3.81
N ASP A 117 27.98 7.71 4.64
CA ASP A 117 28.03 6.77 5.77
C ASP A 117 26.77 6.84 6.65
N VAL A 118 26.43 8.04 7.10
CA VAL A 118 25.23 8.19 7.94
C VAL A 118 23.96 7.88 7.18
N ALA A 119 23.89 8.29 5.93
CA ALA A 119 22.73 7.95 5.14
C ALA A 119 22.51 6.44 5.07
N GLN A 120 23.61 5.69 4.89
CA GLN A 120 23.48 4.22 4.72
C GLN A 120 22.98 3.57 5.98
N ARG A 121 23.47 4.08 7.10
CA ARG A 121 23.02 3.58 8.41
CA ARG A 121 23.03 3.60 8.42
C ARG A 121 21.54 3.80 8.63
N ILE A 122 21.04 4.96 8.25
CA ILE A 122 19.63 5.31 8.45
C ILE A 122 18.77 4.51 7.49
N VAL A 123 19.20 4.40 6.24
CA VAL A 123 18.44 3.67 5.23
C VAL A 123 18.38 2.19 5.54
N ASP A 124 19.52 1.60 5.90
CA ASP A 124 19.60 0.18 6.21
C ASP A 124 18.75 -0.16 7.42
N ALA A 125 18.68 0.76 8.36
CA ALA A 125 17.83 0.59 9.53
C ALA A 125 16.36 0.67 9.14
N ALA A 126 16.01 1.64 8.31
CA ALA A 126 14.61 1.85 7.92
C ALA A 126 14.07 0.62 7.18
N HIS A 127 14.92 0.01 6.35
CA HIS A 127 14.43 -1.16 5.58
C HIS A 127 14.20 -2.34 6.50
N GLN A 128 14.88 -2.43 7.63
CA GLN A 128 14.58 -3.47 8.61
C GLN A 128 13.37 -3.21 9.42
N THR A 129 13.12 -1.95 9.77
CA THR A 129 12.07 -1.63 10.73
C THR A 129 10.74 -1.16 10.12
N CYS A 130 10.74 -0.74 8.86
CA CYS A 130 9.55 -0.24 8.19
C CYS A 130 8.52 -1.36 8.07
N PRO A 131 7.28 -1.15 8.60
CA PRO A 131 6.29 -2.23 8.55
C PRO A 131 5.93 -2.73 7.16
N TYR A 132 6.03 -1.85 6.13
CA TYR A 132 5.72 -2.28 4.77
C TYR A 132 6.83 -3.20 4.26
N SER A 133 8.07 -2.88 4.61
CA SER A 133 9.22 -3.72 4.27
C SER A 133 9.13 -5.07 4.97
N LYS A 134 8.72 -5.09 6.23
CA LYS A 134 8.45 -6.35 6.92
C LYS A 134 7.30 -7.14 6.30
N ALA A 135 6.22 -6.46 5.90
CA ALA A 135 5.05 -7.12 5.42
C ALA A 135 5.31 -7.81 4.09
N THR A 136 6.28 -7.32 3.32
CA THR A 136 6.53 -7.87 2.01
C THR A 136 7.80 -8.74 1.90
N ARG A 137 8.53 -8.91 3.01
CA ARG A 137 9.84 -9.54 3.00
C ARG A 137 9.74 -10.97 2.46
N GLY A 138 10.59 -11.27 1.48
CA GLY A 138 10.65 -12.60 0.86
C GLY A 138 9.64 -12.94 -0.19
N ASN A 139 8.61 -12.11 -0.38
CA ASN A 139 7.56 -12.41 -1.34
C ASN A 139 7.68 -11.68 -2.66
N ILE A 140 8.31 -10.50 -2.62
CA ILE A 140 8.54 -9.70 -3.81
C ILE A 140 9.97 -9.15 -3.81
N ASP A 141 10.43 -8.84 -4.99
CA ASP A 141 11.74 -8.20 -5.13
CA ASP A 141 11.74 -8.22 -5.15
C ASP A 141 11.65 -6.73 -4.80
N VAL A 142 12.57 -6.27 -3.96
CA VAL A 142 12.63 -4.87 -3.53
C VAL A 142 14.08 -4.41 -3.60
N ASP A 143 14.34 -3.34 -4.36
CA ASP A 143 15.67 -2.76 -4.56
C ASP A 143 15.68 -1.38 -3.88
N ILE A 144 16.52 -1.24 -2.88
CA ILE A 144 16.66 0.06 -2.16
C ILE A 144 18.00 0.68 -2.60
N ARG A 145 17.97 1.92 -3.08
CA ARG A 145 19.15 2.68 -3.47
C ARG A 145 19.18 4.04 -2.82
N ILE A 146 20.37 4.59 -2.66
CA ILE A 146 20.54 5.95 -2.14
C ILE A 146 21.17 6.77 -3.26
N ALA A 147 20.49 7.85 -3.64
CA ALA A 147 20.96 8.77 -4.65
C ALA A 147 22.25 9.41 -4.18
N LYS B 11 9.58 -14.03 -9.71
CA LYS B 11 10.31 -13.11 -10.65
C LYS B 11 9.39 -12.84 -11.82
N ILE B 12 9.01 -11.60 -11.94
CA ILE B 12 8.20 -11.08 -13.02
C ILE B 12 8.91 -11.28 -14.36
N GLU B 13 8.17 -11.81 -15.33
CA GLU B 13 8.64 -11.97 -16.71
C GLU B 13 8.22 -10.82 -17.65
N LYS B 14 7.06 -10.23 -17.41
CA LYS B 14 6.55 -9.13 -18.19
C LYS B 14 6.09 -8.07 -17.24
N VAL B 15 6.65 -6.88 -17.40
CA VAL B 15 6.25 -5.70 -16.62
C VAL B 15 5.11 -5.04 -17.39
N LEU B 16 3.94 -4.94 -16.78
CA LEU B 16 2.77 -4.40 -17.50
C LEU B 16 2.52 -2.91 -17.23
N TYR B 17 2.81 -2.47 -16.02
CA TYR B 17 2.56 -1.07 -15.62
C TYR B 17 3.43 -0.74 -14.43
N THR B 18 3.97 0.47 -14.44
CA THR B 18 4.80 1.01 -13.35
C THR B 18 4.16 2.25 -12.72
N GLY B 19 3.77 2.19 -11.44
CA GLY B 19 3.29 3.35 -10.73
C GLY B 19 4.52 4.03 -10.11
N LYS B 20 4.67 5.30 -10.39
CA LYS B 20 5.84 6.05 -9.96
C LYS B 20 5.41 7.22 -9.10
N THR B 21 6.07 7.39 -7.94
CA THR B 21 5.72 8.49 -7.04
C THR B 21 6.97 9.18 -6.49
N HIS B 22 6.78 10.43 -6.09
CA HIS B 22 7.79 11.28 -5.47
C HIS B 22 7.19 11.76 -4.17
N THR B 23 7.84 11.38 -3.06
CA THR B 23 7.30 11.63 -1.72
C THR B 23 8.34 12.40 -0.92
N THR B 24 7.89 13.47 -0.25
CA THR B 24 8.68 14.41 0.51
C THR B 24 8.13 14.52 1.91
N SER B 25 8.91 15.10 2.80
CA SER B 25 8.50 15.25 4.21
C SER B 25 9.26 16.38 4.83
N GLY B 26 8.57 17.16 5.65
CA GLY B 26 9.20 18.12 6.51
C GLY B 26 9.10 17.71 7.98
N GLY B 27 8.79 16.45 8.24
CA GLY B 27 8.63 15.98 9.63
C GLY B 27 7.28 15.30 9.80
N ARG B 28 6.40 15.91 10.58
CA ARG B 28 5.05 15.36 10.76
C ARG B 28 4.26 15.38 9.47
N ASP B 29 4.44 16.41 8.65
CA ASP B 29 3.68 16.59 7.41
C ASP B 29 4.51 16.42 6.16
N GLY B 30 3.91 15.82 5.13
CA GLY B 30 4.61 15.61 3.87
C GLY B 30 3.67 15.66 2.68
N ALA B 31 4.16 15.12 1.56
CA ALA B 31 3.34 15.03 0.36
C ALA B 31 3.84 13.91 -0.55
N ALA B 32 2.96 13.43 -1.41
CA ALA B 32 3.29 12.43 -2.43
C ALA B 32 2.56 12.77 -3.73
N ARG B 33 3.28 12.72 -4.83
CA ARG B 33 2.68 13.00 -6.12
C ARG B 33 3.16 11.96 -7.09
N SER B 34 2.21 11.38 -7.83
CA SER B 34 2.58 10.45 -8.89
C SER B 34 3.17 11.20 -10.10
N SER B 35 3.87 10.47 -10.92
CA SER B 35 4.59 11.04 -12.08
C SER B 35 3.63 11.66 -13.10
N ASP B 36 2.35 11.30 -13.03
CA ASP B 36 1.33 11.69 -14.00
C ASP B 36 0.20 12.49 -13.33
N GLY B 37 0.44 12.86 -12.07
CA GLY B 37 -0.40 13.75 -11.33
C GLY B 37 -1.70 13.13 -10.88
N ARG B 38 -1.90 11.85 -11.17
CA ARG B 38 -3.17 11.22 -10.77
C ARG B 38 -3.29 11.19 -9.23
N LEU B 39 -2.19 10.93 -8.55
CA LEU B 39 -2.17 10.95 -7.10
C LEU B 39 -1.45 12.21 -6.70
N ASP B 40 -2.10 13.06 -5.91
CA ASP B 40 -1.46 14.31 -5.49
C ASP B 40 -2.02 14.62 -4.15
N ILE B 41 -1.31 14.17 -3.12
CA ILE B 41 -1.87 14.12 -1.79
C ILE B 41 -0.92 14.74 -0.76
N GLN B 42 -1.51 15.23 0.33
CA GLN B 42 -0.74 15.60 1.53
C GLN B 42 -0.74 14.41 2.48
N LEU B 43 0.29 14.36 3.31
CA LEU B 43 0.54 13.33 4.28
C LEU B 43 0.70 13.96 5.65
N SER B 44 0.15 13.33 6.67
CA SER B 44 0.46 13.72 8.05
C SER B 44 0.60 12.43 8.84
N SER B 45 1.48 12.44 9.85
CA SER B 45 1.70 11.25 10.68
C SER B 45 0.38 10.68 11.18
N PRO B 46 0.19 9.35 11.04
CA PRO B 46 -1.07 8.69 11.38
C PRO B 46 -1.44 8.92 12.83
N GLY B 47 -2.60 9.52 13.05
CA GLY B 47 -3.05 9.85 14.41
C GLY B 47 -2.67 11.24 14.88
N SER B 48 -1.75 11.90 14.20
CA SER B 48 -1.39 13.29 14.56
C SER B 48 -2.52 14.25 14.22
N ALA B 49 -2.28 15.55 14.38
CA ALA B 49 -3.29 16.56 14.10
C ALA B 49 -3.43 16.99 12.63
N GLY B 50 -2.59 16.45 11.73
CA GLY B 50 -2.53 16.94 10.35
C GLY B 50 -3.70 16.52 9.49
N THR B 51 -3.97 17.28 8.43
CA THR B 51 -5.07 16.98 7.52
C THR B 51 -4.70 15.95 6.39
N GLY B 52 -3.43 15.67 6.25
CA GLY B 52 -2.99 14.65 5.29
C GLY B 52 -3.35 13.20 5.61
N THR B 53 -3.20 12.34 4.61
CA THR B 53 -3.44 10.90 4.76
C THR B 53 -2.18 10.19 5.29
N ASN B 54 -2.13 8.87 5.21
CA ASN B 54 -1.05 8.13 5.86
C ASN B 54 -0.90 6.69 5.25
N PRO B 55 0.15 5.95 5.63
CA PRO B 55 0.44 4.68 4.94
C PRO B 55 -0.62 3.64 5.15
N GLU B 56 -1.31 3.73 6.29
CA GLU B 56 -2.33 2.73 6.61
C GLU B 56 -3.57 2.94 5.75
N GLN B 57 -4.04 4.17 5.68
CA GLN B 57 -5.15 4.50 4.77
C GLN B 57 -4.78 4.19 3.32
N LEU B 58 -3.55 4.53 2.89
CA LEU B 58 -3.11 4.28 1.52
C LEU B 58 -3.08 2.77 1.20
N PHE B 59 -2.59 1.99 2.14
CA PHE B 59 -2.50 0.55 1.99
C PHE B 59 -3.92 -0.08 1.99
N ALA B 60 -4.79 0.43 2.84
CA ALA B 60 -6.17 -0.09 2.86
C ALA B 60 -6.84 0.16 1.53
N ALA B 61 -6.72 1.38 1.01
CA ALA B 61 -7.34 1.77 -0.29
C ALA B 61 -6.76 0.97 -1.45
N GLY B 62 -5.44 0.88 -1.52
CA GLY B 62 -4.77 0.16 -2.61
C GLY B 62 -5.04 -1.35 -2.63
N TRP B 63 -5.00 -1.97 -1.46
CA TRP B 63 -5.27 -3.43 -1.36
C TRP B 63 -6.72 -3.66 -1.78
N SER B 64 -7.64 -2.86 -1.25
CA SER B 64 -9.08 -3.01 -1.51
C SER B 64 -9.37 -2.90 -3.00
N ALA B 65 -8.75 -1.92 -3.66
CA ALA B 65 -8.95 -1.75 -5.09
C ALA B 65 -8.44 -2.97 -5.87
N CYS B 66 -7.23 -3.40 -5.53
CA CYS B 66 -6.62 -4.57 -6.18
C CYS B 66 -7.47 -5.84 -5.90
N PHE B 67 -7.98 -5.98 -4.68
CA PHE B 67 -8.85 -7.11 -4.31
C PHE B 67 -10.13 -7.16 -5.13
N ILE B 68 -10.79 -6.00 -5.30
CA ILE B 68 -11.99 -5.93 -6.11
C ILE B 68 -11.71 -6.30 -7.55
N GLY B 69 -10.62 -5.80 -8.10
CA GLY B 69 -10.23 -6.20 -9.44
C GLY B 69 -10.02 -7.71 -9.58
N ALA B 70 -9.44 -8.32 -8.55
CA ALA B 70 -9.23 -9.77 -8.57
C ALA B 70 -10.55 -10.56 -8.45
N MET B 71 -11.49 -10.01 -7.66
CA MET B 71 -12.83 -10.53 -7.57
C MET B 71 -13.57 -10.48 -8.93
N GLN B 72 -13.43 -9.36 -9.63
CA GLN B 72 -14.02 -9.22 -10.96
C GLN B 72 -13.45 -10.26 -11.94
N LEU B 73 -12.15 -10.50 -11.87
CA LEU B 73 -11.50 -11.49 -12.74
CA LEU B 73 -11.53 -11.47 -12.76
C LEU B 73 -12.04 -12.87 -12.45
N ALA B 74 -12.09 -13.22 -11.17
CA ALA B 74 -12.63 -14.49 -10.74
C ALA B 74 -14.09 -14.68 -11.15
N ALA B 75 -14.89 -13.62 -11.02
CA ALA B 75 -16.28 -13.69 -11.37
C ALA B 75 -16.42 -13.93 -12.87
N ARG B 76 -15.60 -13.27 -13.68
CA ARG B 76 -15.60 -13.57 -15.13
C ARG B 76 -15.32 -15.05 -15.42
N ALA B 77 -14.24 -15.56 -14.85
CA ALA B 77 -13.85 -16.96 -15.04
C ALA B 77 -15.00 -17.91 -14.63
N ALA B 78 -15.78 -17.53 -13.62
CA ALA B 78 -16.90 -18.40 -13.13
C ALA B 78 -18.28 -18.10 -13.79
N LYS B 79 -18.29 -17.08 -14.66
CA LYS B 79 -19.49 -16.59 -15.32
C LYS B 79 -20.52 -16.21 -14.26
N VAL B 80 -20.04 -15.46 -13.26
CA VAL B 80 -20.89 -14.91 -12.20
C VAL B 80 -20.94 -13.39 -12.29
N THR B 81 -22.13 -12.80 -12.19
CA THR B 81 -22.26 -11.34 -12.21
C THR B 81 -22.20 -10.81 -10.78
N LEU B 82 -21.26 -9.91 -10.52
CA LEU B 82 -21.12 -9.33 -9.19
C LEU B 82 -22.14 -8.22 -8.96
N PRO B 83 -22.58 -8.05 -7.70
CA PRO B 83 -23.60 -7.01 -7.48
C PRO B 83 -23.06 -5.61 -7.77
N ALA B 84 -23.95 -4.71 -8.20
CA ALA B 84 -23.63 -3.31 -8.44
C ALA B 84 -23.00 -2.67 -7.20
N ASP B 85 -23.52 -3.07 -6.05
CA ASP B 85 -23.18 -2.49 -4.76
C ASP B 85 -22.01 -3.16 -4.08
N LEU B 86 -21.24 -3.96 -4.81
CA LEU B 86 -19.96 -4.46 -4.32
C LEU B 86 -19.09 -3.36 -3.70
N ALA B 87 -18.56 -3.65 -2.52
CA ALA B 87 -17.65 -2.75 -1.84
C ALA B 87 -16.76 -3.54 -0.89
N VAL B 88 -15.65 -2.93 -0.53
CA VAL B 88 -14.73 -3.45 0.47
C VAL B 88 -14.49 -2.34 1.51
N ASP B 89 -14.74 -2.70 2.75
CA ASP B 89 -14.43 -1.87 3.90
C ASP B 89 -13.25 -2.50 4.57
N ALA B 90 -12.11 -1.78 4.48
CA ALA B 90 -10.81 -2.24 4.93
C ALA B 90 -10.35 -1.45 6.15
N GLU B 91 -9.62 -2.14 7.03
CA GLU B 91 -8.95 -1.53 8.20
C GLU B 91 -7.55 -2.08 8.21
N VAL B 92 -6.57 -1.18 8.33
CA VAL B 92 -5.17 -1.56 8.45
C VAL B 92 -4.63 -0.92 9.73
N ASP B 93 -4.19 -1.77 10.65
CA ASP B 93 -3.63 -1.32 11.89
C ASP B 93 -2.12 -1.19 11.81
N LEU B 94 -1.61 -0.13 12.37
CA LEU B 94 -0.20 -0.03 12.79
C LEU B 94 -0.14 -0.34 14.26
N GLY B 95 0.70 -1.30 14.64
CA GLY B 95 0.86 -1.60 16.06
C GLY B 95 2.27 -1.99 16.40
N THR B 96 2.54 -2.21 17.69
CA THR B 96 3.90 -2.55 18.12
C THR B 96 3.94 -3.81 18.97
N ALA B 97 5.09 -4.46 19.01
CA ALA B 97 5.45 -5.33 20.12
C ALA B 97 6.84 -4.87 20.52
N GLY B 98 6.96 -4.33 21.72
CA GLY B 98 8.22 -3.77 22.16
C GLY B 98 8.57 -2.59 21.29
N ASN B 99 9.79 -2.58 20.78
CA ASN B 99 10.26 -1.50 19.93
C ASN B 99 9.94 -1.78 18.45
N ALA B 100 9.20 -2.84 18.13
CA ALA B 100 9.03 -3.29 16.73
C ALA B 100 7.63 -2.97 16.23
N TYR B 101 7.55 -2.51 14.97
CA TYR B 101 6.29 -2.09 14.38
C TYR B 101 5.83 -3.10 13.35
N PHE B 102 4.52 -3.27 13.25
CA PHE B 102 3.93 -4.22 12.29
C PHE B 102 2.63 -3.66 11.77
N LEU B 103 2.20 -4.18 10.63
CA LEU B 103 0.83 -3.98 10.18
C LEU B 103 -0.01 -5.24 10.43
N GLN B 104 -1.32 -5.05 10.51
CA GLN B 104 -2.25 -6.14 10.30
C GLN B 104 -3.50 -5.60 9.63
N ALA B 105 -4.29 -6.47 8.98
CA ALA B 105 -5.37 -6.00 8.14
C ALA B 105 -6.66 -6.82 8.25
N ARG B 106 -7.77 -6.12 8.00
CA ARG B 106 -9.09 -6.71 7.93
C ARG B 106 -9.76 -6.18 6.67
N LEU B 107 -10.25 -7.08 5.82
CA LEU B 107 -11.00 -6.69 4.64
C LEU B 107 -12.38 -7.32 4.78
N ASN B 108 -13.39 -6.46 4.82
CA ASN B 108 -14.78 -6.84 4.95
C ASN B 108 -15.46 -6.59 3.62
N VAL B 109 -15.83 -7.69 2.97
CA VAL B 109 -16.34 -7.64 1.62
C VAL B 109 -17.86 -7.65 1.64
N SER B 110 -18.44 -6.60 1.08
CA SER B 110 -19.87 -6.50 0.91
C SER B 110 -20.30 -7.03 -0.48
N VAL B 111 -21.02 -8.15 -0.50
CA VAL B 111 -21.44 -8.80 -1.73
C VAL B 111 -22.94 -9.15 -1.72
N PRO B 112 -23.81 -8.14 -1.67
CA PRO B 112 -25.25 -8.47 -1.49
C PRO B 112 -25.88 -9.15 -2.73
N GLY B 113 -26.68 -10.20 -2.51
CA GLY B 113 -27.38 -10.82 -3.62
C GLY B 113 -26.79 -12.13 -4.09
N LEU B 114 -25.56 -12.47 -3.72
CA LEU B 114 -24.96 -13.74 -4.13
C LEU B 114 -25.10 -14.87 -3.12
N GLU B 115 -25.43 -16.06 -3.59
CA GLU B 115 -25.44 -17.27 -2.74
C GLU B 115 -24.10 -17.37 -1.98
N ARG B 116 -24.18 -17.74 -0.71
CA ARG B 116 -23.02 -17.86 0.21
C ARG B 116 -21.82 -18.56 -0.43
N ASP B 117 -22.07 -19.73 -1.01
CA ASP B 117 -20.97 -20.54 -1.60
C ASP B 117 -20.30 -19.87 -2.76
N VAL B 118 -21.10 -19.28 -3.64
CA VAL B 118 -20.63 -18.55 -4.82
C VAL B 118 -19.75 -17.39 -4.43
N ALA B 119 -20.28 -16.58 -3.51
CA ALA B 119 -19.55 -15.44 -2.98
C ALA B 119 -18.22 -15.81 -2.30
N GLN B 120 -18.25 -16.81 -1.43
CA GLN B 120 -17.04 -17.29 -0.80
C GLN B 120 -15.98 -17.80 -1.81
N ARG B 121 -16.40 -18.54 -2.84
CA ARG B 121 -15.43 -19.02 -3.84
C ARG B 121 -14.76 -17.83 -4.52
N ILE B 122 -15.54 -16.79 -4.86
CA ILE B 122 -14.97 -15.62 -5.53
C ILE B 122 -13.99 -14.83 -4.64
N VAL B 123 -14.34 -14.67 -3.39
CA VAL B 123 -13.50 -13.95 -2.44
C VAL B 123 -12.22 -14.78 -2.20
N ASP B 124 -12.39 -16.09 -2.04
CA ASP B 124 -11.22 -16.97 -1.90
C ASP B 124 -10.28 -16.88 -3.13
N ALA B 125 -10.82 -16.94 -4.35
CA ALA B 125 -10.00 -16.79 -5.57
C ALA B 125 -9.26 -15.44 -5.58
N ALA B 126 -9.98 -14.37 -5.24
CA ALA B 126 -9.38 -13.06 -5.18
C ALA B 126 -8.19 -12.99 -4.22
N HIS B 127 -8.34 -13.58 -3.04
CA HIS B 127 -7.26 -13.53 -2.06
C HIS B 127 -6.05 -14.35 -2.56
N GLN B 128 -6.31 -15.31 -3.43
CA GLN B 128 -5.21 -16.07 -4.02
C GLN B 128 -4.50 -15.33 -5.15
N THR B 129 -5.23 -14.54 -5.95
CA THR B 129 -4.68 -13.97 -7.18
C THR B 129 -4.23 -12.51 -7.00
N CYS B 130 -4.84 -11.80 -6.05
CA CYS B 130 -4.52 -10.40 -5.77
C CYS B 130 -3.01 -10.23 -5.42
N PRO B 131 -2.27 -9.49 -6.22
CA PRO B 131 -0.81 -9.32 -5.98
C PRO B 131 -0.43 -8.70 -4.61
N TYR B 132 -1.29 -7.86 -4.05
CA TYR B 132 -1.04 -7.37 -2.67
C TYR B 132 -1.17 -8.49 -1.63
N SER B 133 -2.15 -9.38 -1.83
CA SER B 133 -2.32 -10.54 -0.97
C SER B 133 -1.10 -11.44 -1.09
N LYS B 134 -0.60 -11.59 -2.31
CA LYS B 134 0.60 -12.42 -2.53
C LYS B 134 1.81 -11.79 -1.87
N ALA B 135 1.93 -10.49 -2.03
CA ALA B 135 3.08 -9.73 -1.50
C ALA B 135 3.18 -9.82 0.02
N THR B 136 2.06 -9.94 0.70
CA THR B 136 2.04 -9.97 2.17
C THR B 136 1.84 -11.32 2.78
N ARG B 137 1.77 -12.36 1.94
CA ARG B 137 1.43 -13.68 2.38
C ARG B 137 2.37 -14.20 3.44
N GLY B 138 1.80 -14.57 4.57
CA GLY B 138 2.57 -15.19 5.65
C GLY B 138 3.33 -14.24 6.54
N ASN B 139 3.30 -12.94 6.25
CA ASN B 139 4.08 -11.96 7.01
C ASN B 139 3.26 -11.08 7.94
N ILE B 140 1.97 -10.89 7.63
CA ILE B 140 1.07 -10.16 8.49
C ILE B 140 -0.26 -10.92 8.62
N ASP B 141 -0.97 -10.67 9.70
CA ASP B 141 -2.30 -11.23 9.88
CA ASP B 141 -2.30 -11.23 9.88
CA ASP B 141 -2.32 -11.21 9.91
C ASP B 141 -3.32 -10.48 9.02
N VAL B 142 -4.14 -11.23 8.30
CA VAL B 142 -5.11 -10.66 7.39
C VAL B 142 -6.39 -11.45 7.59
N ASP B 143 -7.46 -10.77 7.97
CA ASP B 143 -8.76 -11.41 8.19
C ASP B 143 -9.65 -10.97 7.01
N ILE B 144 -10.00 -11.89 6.12
CA ILE B 144 -10.90 -11.59 5.01
C ILE B 144 -12.28 -12.18 5.39
N ARG B 145 -13.31 -11.34 5.43
CA ARG B 145 -14.68 -11.76 5.73
C ARG B 145 -15.66 -11.22 4.72
N ILE B 146 -16.70 -12.00 4.45
CA ILE B 146 -17.84 -11.50 3.74
C ILE B 146 -18.72 -10.82 4.81
N ALA B 147 -19.01 -9.56 4.61
CA ALA B 147 -19.65 -8.79 5.70
C ALA B 147 -21.12 -8.62 5.43
#